data_3SC2
#
_entry.id   3SC2
#
_cell.length_a   98.400
_cell.length_b   98.400
_cell.length_c   209.500
_cell.angle_alpha   90.00
_cell.angle_beta   90.00
_cell.angle_gamma   90.00
#
_symmetry.space_group_name_H-M   'P 41 21 2'
#
loop_
_entity.id
_entity.type
_entity.pdbx_description
1 polymer 'SERINE CARBOXYPEPTIDASE II (CPDW-II)'
2 polymer 'SERINE CARBOXYPEPTIDASE II (CPDW-II)'
3 branched alpha-D-mannopyranose-(1-4)-2-acetamido-2-deoxy-beta-D-glucopyranose-(1-4)-[alpha-L-fucopyranose-(1-3)]2-acetamido-2-deoxy-beta-D-glucopyranose
4 branched 2-acetamido-2-deoxy-beta-D-glucopyranose-(1-4)-2-acetamido-2-deoxy-beta-D-glucopyranose
5 water water
#
loop_
_entity_poly.entity_id
_entity_poly.type
_entity_poly.pdbx_seq_one_letter_code
_entity_poly.pdbx_strand_id
1 'polypeptide(L)'
;VEPSGHAADRIARLPGQPAVDFDMYSGYITVDEGAGRSLFYLLQEAPEDAQPAPLVLWLNGGPGCSSVAYGASEELGAFR
VKPAGAGLVLNEYRWNKVANVLFLDSPAGVGFSYTNTSSDIYTSGDNRTAHDSYAFLAKWFERFPHYKYRDFYIAGESYA
GHYVPELSQLVHRSKNPVINLKGFMVGNGLIDDYHDYVGTFEFWWNHGIVSDDTYRRLKEACLHDSFIHPSPACDAATDV
ATAEQGNIDMYSLYTPVCN
;
A
2 'polypeptide(L)'
;SYDPCTERYSTAYYNRRDVQMALHANVTGAMNYTWATCSDTINTHWHDAPRSMLPIYRELIAAGLRIWVFSGDTDAVVPL
TATRYSIGALGLPTTTSWYPWYDDQEVGGWSQVYKGLTLVSVRGAGHEVPLHRPRQALVLFQYFLQGKPMPG
;
B
#
# COMPACT_ATOMS: atom_id res chain seq x y z
N HIS A 6 11.00 10.32 21.38
CA HIS A 6 9.60 10.33 20.86
C HIS A 6 8.94 11.72 20.75
N ALA A 7 9.03 12.45 21.86
CA ALA A 7 8.55 13.80 21.96
C ALA A 7 9.34 14.66 21.00
N ALA A 8 10.56 14.19 20.77
CA ALA A 8 11.51 14.81 19.85
C ALA A 8 11.10 14.71 18.37
N ASP A 9 10.33 13.66 18.07
CA ASP A 9 9.83 13.31 16.73
C ASP A 9 8.56 14.03 16.45
N ARG A 10 8.12 14.75 17.44
CA ARG A 10 6.89 15.43 17.21
C ARG A 10 6.90 16.56 16.20
N ILE A 11 5.83 16.66 15.44
CA ILE A 11 5.69 17.72 14.46
C ILE A 11 4.85 18.87 15.00
N ALA A 12 5.38 20.07 14.83
CA ALA A 12 4.70 21.25 15.33
C ALA A 12 3.66 21.60 14.33
N ARG A 13 4.18 21.96 13.16
CA ARG A 13 3.43 22.25 11.94
C ARG A 13 4.17 22.17 10.67
N LEU A 14 3.47 21.69 9.67
CA LEU A 14 4.02 21.62 8.34
C LEU A 14 3.68 22.94 7.60
N PRO A 15 4.57 23.27 6.68
CA PRO A 15 4.33 24.44 5.91
C PRO A 15 2.98 24.39 5.17
N GLY A 16 2.19 25.40 5.33
CA GLY A 16 0.98 25.42 4.58
C GLY A 16 -0.07 24.56 5.19
N GLN A 17 0.29 23.98 6.32
CA GLN A 17 -0.63 23.09 6.95
C GLN A 17 -1.85 23.74 7.60
N PRO A 18 -3.06 23.24 7.43
CA PRO A 18 -4.15 23.87 8.17
C PRO A 18 -4.07 23.38 9.63
N ALA A 19 -4.80 24.05 10.54
CA ALA A 19 -4.82 23.73 11.97
C ALA A 19 -5.55 22.43 12.21
N VAL A 20 -5.04 21.51 13.03
CA VAL A 20 -5.79 20.27 13.20
C VAL A 20 -5.95 19.90 14.64
N ASP A 21 -6.70 18.86 14.94
CA ASP A 21 -6.88 18.49 16.33
C ASP A 21 -6.34 17.12 16.68
N PHE A 22 -5.19 16.75 16.11
CA PHE A 22 -4.61 15.46 16.40
C PHE A 22 -3.17 15.65 16.26
N ASP A 23 -2.35 14.82 16.94
CA ASP A 23 -0.94 15.04 16.82
C ASP A 23 -0.35 14.23 15.70
N MET A 24 0.84 14.65 15.33
CA MET A 24 1.58 13.93 14.35
C MET A 24 3.08 13.77 14.64
N TYR A 25 3.74 12.66 14.26
CA TYR A 25 5.17 12.42 14.58
C TYR A 25 5.87 11.80 13.40
N SER A 26 7.10 12.21 13.13
CA SER A 26 7.93 11.71 12.03
C SER A 26 9.42 11.76 12.39
N GLY A 27 10.20 10.78 11.92
CA GLY A 27 11.63 10.64 12.22
C GLY A 27 12.15 9.29 11.75
N TYR A 28 13.35 8.93 12.17
CA TYR A 28 14.01 7.75 11.71
C TYR A 28 14.21 6.76 12.82
N ILE A 29 14.25 5.50 12.41
CA ILE A 29 14.59 4.36 13.23
C ILE A 29 15.73 3.58 12.51
N THR A 30 16.79 3.28 13.19
CA THR A 30 17.81 2.52 12.57
C THR A 30 17.58 1.05 12.70
N VAL A 31 17.38 0.41 11.56
CA VAL A 31 17.14 -1.02 11.50
C VAL A 31 18.38 -1.85 11.21
N ASP A 32 19.52 -1.17 10.89
CA ASP A 32 20.76 -1.85 10.61
C ASP A 32 21.92 -0.94 10.86
N GLU A 33 22.50 -1.09 12.06
CA GLU A 33 23.58 -0.22 12.48
C GLU A 33 24.83 -0.56 11.72
N GLY A 34 24.94 -1.83 11.33
CA GLY A 34 26.07 -2.23 10.54
C GLY A 34 26.09 -1.44 9.24
N ALA A 35 25.05 -1.65 8.44
CA ALA A 35 24.89 -1.01 7.14
C ALA A 35 24.51 0.45 7.20
N GLY A 36 24.00 0.88 8.35
CA GLY A 36 23.59 2.26 8.43
C GLY A 36 22.27 2.52 7.68
N ARG A 37 21.36 1.54 7.80
CA ARG A 37 20.00 1.54 7.22
C ARG A 37 18.98 2.12 8.21
N SER A 38 18.41 3.24 7.84
CA SER A 38 17.50 3.94 8.71
C SER A 38 16.17 4.19 7.97
N LEU A 39 15.01 3.72 8.50
CA LEU A 39 13.70 3.98 7.89
C LEU A 39 13.01 5.19 8.53
N PHE A 40 12.40 6.00 7.67
CA PHE A 40 11.62 7.18 8.05
C PHE A 40 10.15 6.77 8.19
N TYR A 41 9.46 7.26 9.25
CA TYR A 41 8.03 6.97 9.47
C TYR A 41 7.27 8.29 9.59
N LEU A 42 5.98 8.21 9.47
CA LEU A 42 5.05 9.33 9.62
C LEU A 42 3.84 8.76 10.36
N LEU A 43 3.56 9.28 11.56
CA LEU A 43 2.45 8.82 12.37
C LEU A 43 1.44 9.93 12.43
N GLN A 44 0.22 9.67 11.96
CA GLN A 44 -0.86 10.64 12.03
C GLN A 44 -1.84 10.07 13.02
N GLU A 45 -1.91 10.64 14.25
CA GLU A 45 -2.79 10.03 15.21
C GLU A 45 -4.24 10.42 15.07
N ALA A 46 -5.10 9.66 15.76
CA ALA A 46 -6.48 10.01 15.80
C ALA A 46 -6.66 11.03 16.92
N PRO A 47 -7.82 11.70 16.87
CA PRO A 47 -8.20 12.69 17.86
C PRO A 47 -8.44 12.04 19.26
N GLU A 48 -8.10 12.77 20.34
CA GLU A 48 -8.16 12.37 21.75
C GLU A 48 -9.39 11.65 22.10
N ASP A 49 -10.47 12.16 21.56
CA ASP A 49 -11.73 11.56 21.86
C ASP A 49 -11.81 10.22 21.30
N ALA A 50 -11.00 9.96 20.32
CA ALA A 50 -11.16 8.65 19.71
C ALA A 50 -10.28 7.62 20.41
N GLN A 51 -9.41 8.10 21.27
CA GLN A 51 -8.51 7.19 21.91
C GLN A 51 -9.08 6.38 23.04
N PRO A 52 -8.40 5.27 23.34
CA PRO A 52 -7.23 4.89 22.58
C PRO A 52 -7.65 4.01 21.37
N ALA A 53 -7.30 4.47 20.18
CA ALA A 53 -7.61 3.83 18.92
C ALA A 53 -6.51 2.85 18.52
N PRO A 54 -6.79 1.98 17.57
CA PRO A 54 -5.80 1.01 17.12
C PRO A 54 -4.70 1.62 16.29
N LEU A 55 -3.62 0.83 16.14
CA LEU A 55 -2.43 1.29 15.42
C LEU A 55 -2.37 0.61 14.06
N VAL A 56 -2.30 1.37 12.98
CA VAL A 56 -2.32 0.75 11.64
C VAL A 56 -1.07 1.09 10.85
N LEU A 57 -0.29 0.06 10.49
CA LEU A 57 0.88 0.26 9.66
C LEU A 57 0.42 0.16 8.16
N TRP A 58 0.61 1.22 7.40
CA TRP A 58 0.24 1.25 6.02
C TRP A 58 1.50 1.22 5.14
N LEU A 59 1.52 0.29 4.18
CA LEU A 59 2.66 0.14 3.28
C LEU A 59 2.27 0.30 1.80
N ASN A 60 3.04 1.12 1.07
CA ASN A 60 2.84 1.27 -0.36
C ASN A 60 3.72 0.21 -1.10
N GLY A 61 3.51 0.00 -2.42
CA GLY A 61 4.19 -1.03 -3.18
C GLY A 61 5.32 -0.55 -4.02
N GLY A 62 5.25 -0.91 -5.31
CA GLY A 62 6.29 -0.61 -6.32
C GLY A 62 6.76 -1.92 -7.00
N PRO A 63 7.77 -2.63 -6.46
CA PRO A 63 8.51 -2.26 -5.28
C PRO A 63 9.28 -0.97 -5.50
N GLY A 64 9.54 -0.17 -4.47
CA GLY A 64 10.30 1.06 -4.66
C GLY A 64 9.55 2.36 -4.46
N CYS A 65 8.21 2.28 -4.24
CA CYS A 65 7.39 3.49 -4.01
C CYS A 65 7.17 3.83 -2.54
N SER A 66 7.08 5.14 -2.28
CA SER A 66 6.96 5.68 -0.92
C SER A 66 5.55 5.70 -0.29
N SER A 67 5.41 5.08 0.90
CA SER A 67 4.16 5.18 1.62
C SER A 67 3.78 6.62 2.00
N VAL A 68 4.73 7.50 2.16
CA VAL A 68 4.47 8.90 2.51
C VAL A 68 4.00 9.61 1.25
N ALA A 69 4.78 9.38 0.17
CA ALA A 69 4.48 9.96 -1.12
C ALA A 69 3.03 9.59 -1.56
N TYR A 70 2.64 8.30 -1.41
CA TYR A 70 1.29 7.88 -1.82
C TYR A 70 0.27 7.80 -0.70
N GLY A 71 0.47 6.79 0.19
CA GLY A 71 -0.47 6.60 1.26
C GLY A 71 -0.87 7.88 2.01
N ALA A 72 0.13 8.63 2.47
CA ALA A 72 -0.09 9.79 3.29
C ALA A 72 -0.50 11.02 2.51
N SER A 73 -0.02 11.19 1.26
CA SER A 73 -0.25 12.41 0.48
C SER A 73 -1.30 12.44 -0.61
N GLU A 74 -1.72 11.31 -1.16
CA GLU A 74 -2.74 11.39 -2.16
C GLU A 74 -3.73 10.26 -1.97
N GLU A 75 -3.68 9.59 -0.79
CA GLU A 75 -4.62 8.54 -0.51
C GLU A 75 -5.38 8.71 0.82
N LEU A 76 -4.97 7.94 1.84
CA LEU A 76 -5.69 7.95 3.10
C LEU A 76 -5.23 8.90 4.20
N GLY A 77 -4.07 9.52 4.00
CA GLY A 77 -3.51 10.43 4.95
C GLY A 77 -4.32 11.66 5.24
N ALA A 78 -3.96 12.35 6.31
CA ALA A 78 -4.66 13.51 6.75
C ALA A 78 -4.68 14.65 5.73
N PHE A 79 -3.68 14.80 4.89
CA PHE A 79 -3.72 15.99 4.04
C PHE A 79 -3.42 15.69 2.61
N ARG A 80 -3.91 16.63 1.78
CA ARG A 80 -3.65 16.66 0.35
C ARG A 80 -2.79 17.89 -0.06
N VAL A 81 -1.81 17.68 -0.92
CA VAL A 81 -0.95 18.73 -1.42
C VAL A 81 -1.57 19.59 -2.51
N LYS A 82 -1.26 20.87 -2.44
CA LYS A 82 -1.75 21.82 -3.42
C LYS A 82 -0.89 21.89 -4.67
N PRO A 83 -1.53 22.27 -5.79
CA PRO A 83 -0.85 22.42 -7.04
C PRO A 83 0.35 23.31 -6.82
N ALA A 84 1.39 22.94 -7.51
CA ALA A 84 2.64 23.66 -7.33
C ALA A 84 3.30 23.32 -6.01
N GLY A 85 2.66 22.50 -5.22
CA GLY A 85 3.23 22.09 -3.94
C GLY A 85 3.33 23.25 -2.97
N ALA A 86 2.30 24.09 -3.03
CA ALA A 86 2.16 25.28 -2.24
C ALA A 86 1.61 25.15 -0.85
N GLY A 87 1.01 24.03 -0.52
CA GLY A 87 0.48 23.95 0.80
C GLY A 87 -0.36 22.74 0.87
N LEU A 88 -1.02 22.57 1.99
CA LEU A 88 -1.81 21.41 2.27
C LEU A 88 -3.25 21.71 2.46
N VAL A 89 -4.05 20.72 2.14
CA VAL A 89 -5.45 20.86 2.39
C VAL A 89 -5.85 19.64 3.20
N LEU A 90 -6.85 19.75 4.05
CA LEU A 90 -7.27 18.62 4.86
C LEU A 90 -8.09 17.56 4.11
N ASN A 91 -7.82 16.27 4.39
CA ASN A 91 -8.56 15.19 3.81
C ASN A 91 -9.83 14.84 4.63
N GLU A 92 -11.01 15.13 4.07
CA GLU A 92 -12.30 14.89 4.76
C GLU A 92 -12.54 13.40 5.09
N TYR A 93 -11.87 12.50 4.34
CA TYR A 93 -12.09 11.10 4.55
C TYR A 93 -10.84 10.42 5.08
N ARG A 94 -9.96 11.17 5.69
CA ARG A 94 -8.69 10.61 6.20
C ARG A 94 -8.91 9.46 7.15
N TRP A 95 -8.09 8.43 7.04
CA TRP A 95 -8.31 7.30 7.95
C TRP A 95 -7.98 7.56 9.42
N ASN A 96 -7.13 8.56 9.71
CA ASN A 96 -6.80 8.86 11.08
C ASN A 96 -7.90 9.51 11.93
N LYS A 97 -9.13 9.50 11.40
CA LYS A 97 -10.30 9.84 12.11
C LYS A 97 -10.66 8.69 13.06
N VAL A 98 -10.32 7.45 12.70
CA VAL A 98 -10.65 6.27 13.51
C VAL A 98 -9.42 5.50 14.00
N ALA A 99 -8.24 5.77 13.48
CA ALA A 99 -7.14 4.98 13.92
C ALA A 99 -5.85 5.79 13.89
N ASN A 100 -4.80 5.23 14.55
CA ASN A 100 -3.50 5.84 14.52
C ASN A 100 -2.81 5.19 13.31
N VAL A 101 -2.47 6.00 12.32
CA VAL A 101 -1.91 5.55 11.09
C VAL A 101 -0.43 5.80 11.01
N LEU A 102 0.30 4.72 10.81
CA LEU A 102 1.75 4.84 10.68
C LEU A 102 2.15 4.49 9.25
N PHE A 103 2.81 5.42 8.56
CA PHE A 103 3.26 5.29 7.20
C PHE A 103 4.74 5.03 7.21
N LEU A 104 5.21 3.90 6.70
CA LEU A 104 6.64 3.53 6.69
C LEU A 104 7.24 3.60 5.29
N ASP A 105 8.32 4.38 5.07
CA ASP A 105 9.08 4.46 3.79
C ASP A 105 10.02 3.25 3.77
N SER A 106 9.78 2.35 2.86
CA SER A 106 10.48 1.09 2.86
C SER A 106 10.55 0.52 1.44
N PRO A 107 11.66 -0.08 1.05
CA PRO A 107 12.84 -0.31 1.91
C PRO A 107 13.81 0.86 1.99
N ALA A 108 14.95 0.60 2.63
CA ALA A 108 16.01 1.63 2.68
C ALA A 108 16.37 2.02 1.22
N GLY A 109 16.28 3.33 1.01
CA GLY A 109 16.52 3.96 -0.27
C GLY A 109 15.28 4.56 -0.89
N VAL A 110 14.10 4.40 -0.27
CA VAL A 110 12.81 4.87 -0.78
C VAL A 110 12.29 6.09 -0.03
N GLY A 111 11.84 7.14 -0.69
CA GLY A 111 11.36 8.26 0.09
C GLY A 111 12.49 8.92 0.90
N PHE A 112 12.23 9.15 2.19
CA PHE A 112 13.18 9.78 3.09
C PHE A 112 14.08 8.75 3.75
N SER A 113 13.71 7.52 3.46
CA SER A 113 14.45 6.40 4.01
C SER A 113 15.80 6.23 3.31
N TYR A 114 16.85 6.00 4.09
CA TYR A 114 18.20 5.88 3.49
C TYR A 114 19.11 4.78 4.01
N THR A 115 20.16 4.56 3.25
CA THR A 115 21.15 3.55 3.62
C THR A 115 22.53 4.13 3.54
N ASN A 116 23.41 3.66 4.42
CA ASN A 116 24.76 4.14 4.39
C ASN A 116 25.67 3.30 3.50
N THR A 117 25.20 2.12 3.09
CA THR A 117 25.84 1.18 2.18
C THR A 117 25.22 1.25 0.78
N SER A 118 25.81 2.07 -0.08
CA SER A 118 25.31 2.29 -1.45
C SER A 118 24.92 1.06 -2.25
N SER A 119 25.47 -0.08 -1.87
CA SER A 119 25.22 -1.31 -2.56
C SER A 119 23.82 -1.80 -2.25
N ASP A 120 23.41 -1.41 -1.04
CA ASP A 120 22.12 -1.71 -0.48
C ASP A 120 20.95 -1.58 -1.50
N ILE A 121 20.99 -0.51 -2.30
CA ILE A 121 19.94 -0.22 -3.26
C ILE A 121 19.96 -1.00 -4.57
N TYR A 122 20.89 -1.91 -4.75
CA TYR A 122 20.94 -2.70 -5.95
C TYR A 122 20.64 -4.13 -5.62
N THR A 123 20.46 -4.37 -4.35
CA THR A 123 20.28 -5.74 -3.91
C THR A 123 19.01 -5.96 -3.06
N SER A 124 18.07 -5.07 -3.10
CA SER A 124 16.85 -5.26 -2.29
C SER A 124 16.09 -6.51 -2.76
N GLY A 125 15.32 -7.05 -1.82
CA GLY A 125 14.49 -8.24 -2.04
C GLY A 125 13.41 -8.32 -0.96
N ASP A 126 12.52 -9.26 -1.11
CA ASP A 126 11.41 -9.42 -0.17
C ASP A 126 11.89 -9.78 1.24
N ASN A 127 12.94 -10.59 1.30
CA ASN A 127 13.41 -11.12 2.59
C ASN A 127 14.02 -10.08 3.52
N ARG A 128 14.91 -9.32 2.96
CA ARG A 128 15.53 -8.29 3.75
C ARG A 128 14.52 -7.17 4.02
N THR A 129 13.52 -6.94 3.10
CA THR A 129 12.59 -5.84 3.31
C THR A 129 11.76 -6.06 4.59
N ALA A 130 11.38 -7.31 4.76
CA ALA A 130 10.59 -7.84 5.83
C ALA A 130 11.34 -7.86 7.14
N HIS A 131 12.60 -8.29 7.11
CA HIS A 131 13.40 -8.32 8.30
C HIS A 131 13.66 -6.89 8.77
N ASP A 132 13.98 -5.95 7.87
CA ASP A 132 14.20 -4.57 8.31
C ASP A 132 12.90 -4.00 8.87
N SER A 133 11.74 -4.39 8.26
CA SER A 133 10.44 -3.87 8.67
C SER A 133 10.11 -4.29 10.10
N TYR A 134 10.59 -5.48 10.45
CA TYR A 134 10.35 -6.04 11.74
C TYR A 134 11.20 -5.36 12.80
N ALA A 135 12.46 -5.22 12.47
CA ALA A 135 13.30 -4.48 13.28
C ALA A 135 12.67 -3.10 13.53
N PHE A 136 12.34 -2.34 12.48
CA PHE A 136 11.73 -1.06 12.68
C PHE A 136 10.60 -1.07 13.72
N LEU A 137 9.66 -2.03 13.62
CA LEU A 137 8.54 -2.11 14.56
C LEU A 137 8.96 -2.40 15.98
N ALA A 138 9.98 -3.26 16.12
CA ALA A 138 10.31 -3.57 17.45
C ALA A 138 10.96 -2.41 18.21
N LYS A 139 11.66 -1.56 17.53
CA LYS A 139 12.27 -0.42 18.20
C LYS A 139 11.27 0.73 18.25
N TRP A 140 10.37 0.79 17.28
CA TRP A 140 9.37 1.85 17.25
C TRP A 140 8.52 1.78 18.55
N PHE A 141 8.22 0.57 19.01
CA PHE A 141 7.46 0.39 20.23
C PHE A 141 8.24 0.79 21.48
N GLU A 142 9.55 0.79 21.38
CA GLU A 142 10.36 1.22 22.46
C GLU A 142 10.35 2.72 22.46
N ARG A 143 10.36 3.38 21.28
CA ARG A 143 10.29 4.83 21.23
C ARG A 143 8.89 5.33 21.69
N PHE A 144 7.86 4.54 21.37
CA PHE A 144 6.49 4.89 21.71
C PHE A 144 5.87 3.82 22.62
N PRO A 145 6.28 3.74 23.90
CA PRO A 145 5.82 2.69 24.81
C PRO A 145 4.32 2.73 25.14
N HIS A 146 3.67 3.89 25.06
CA HIS A 146 2.23 3.92 25.29
C HIS A 146 1.46 3.18 24.17
N TYR A 147 2.17 2.73 23.13
CA TYR A 147 1.60 1.93 22.06
C TYR A 147 1.69 0.40 22.27
N LYS A 148 2.45 -0.05 23.26
CA LYS A 148 2.52 -1.48 23.46
C LYS A 148 1.16 -2.08 23.77
N TYR A 149 0.87 -3.29 23.28
CA TYR A 149 -0.37 -3.90 23.58
C TYR A 149 -1.60 -3.35 22.80
N ARG A 150 -1.42 -2.22 22.10
CA ARG A 150 -2.47 -1.69 21.27
C ARG A 150 -2.75 -2.72 20.16
N ASP A 151 -4.01 -2.89 19.80
CA ASP A 151 -4.41 -3.77 18.75
C ASP A 151 -3.67 -3.23 17.55
N PHE A 152 -2.95 -4.07 16.83
CA PHE A 152 -2.22 -3.59 15.68
C PHE A 152 -2.65 -4.31 14.33
N TYR A 153 -2.67 -3.57 13.22
CA TYR A 153 -3.09 -4.09 11.91
C TYR A 153 -2.12 -3.63 10.87
N ILE A 154 -1.92 -4.45 9.84
CA ILE A 154 -1.00 -4.02 8.82
C ILE A 154 -1.78 -3.95 7.53
N ALA A 155 -1.56 -2.90 6.71
CA ALA A 155 -2.29 -2.71 5.49
C ALA A 155 -1.43 -2.18 4.37
N GLY A 156 -1.88 -2.41 3.16
CA GLY A 156 -1.16 -1.93 2.00
C GLY A 156 -1.84 -2.26 0.69
N GLU A 157 -1.21 -1.81 -0.38
CA GLU A 157 -1.60 -1.85 -1.79
C GLU A 157 -0.52 -2.44 -2.70
N SER A 158 -1.00 -2.99 -3.77
CA SER A 158 -0.14 -3.53 -4.83
C SER A 158 0.99 -4.47 -4.48
N TYR A 159 2.26 -4.06 -4.71
CA TYR A 159 3.43 -4.87 -4.34
C TYR A 159 3.45 -5.15 -2.83
N ALA A 160 2.76 -4.30 -2.02
CA ALA A 160 2.54 -4.64 -0.60
C ALA A 160 1.65 -5.93 -0.45
N GLY A 161 1.25 -6.60 -1.55
CA GLY A 161 0.55 -7.86 -1.44
C GLY A 161 1.59 -8.88 -0.97
N HIS A 162 2.82 -8.63 -1.33
CA HIS A 162 3.96 -9.38 -0.84
C HIS A 162 4.35 -8.88 0.56
N TYR A 163 4.65 -7.58 0.70
CA TYR A 163 5.09 -7.00 1.98
C TYR A 163 4.25 -7.29 3.19
N VAL A 164 2.92 -7.05 3.06
CA VAL A 164 2.03 -7.21 4.17
C VAL A 164 2.01 -8.59 4.80
N PRO A 165 1.83 -9.62 3.98
CA PRO A 165 1.75 -10.95 4.54
C PRO A 165 3.12 -11.52 4.95
N GLU A 166 4.23 -11.10 4.29
CA GLU A 166 5.55 -11.55 4.69
C GLU A 166 5.89 -10.96 6.04
N LEU A 167 5.58 -9.69 6.24
CA LEU A 167 5.78 -9.07 7.53
C LEU A 167 4.85 -9.61 8.57
N SER A 168 3.59 -9.82 8.23
CA SER A 168 2.69 -10.36 9.24
C SER A 168 3.18 -11.70 9.78
N GLN A 169 3.73 -12.49 8.84
CA GLN A 169 4.25 -13.79 9.11
C GLN A 169 5.35 -13.75 10.17
N LEU A 170 6.29 -12.82 9.98
CA LEU A 170 7.41 -12.54 10.85
C LEU A 170 6.86 -12.13 12.22
N VAL A 171 6.05 -11.07 12.27
CA VAL A 171 5.41 -10.59 13.49
C VAL A 171 4.77 -11.75 14.21
N HIS A 172 4.00 -12.53 13.48
CA HIS A 172 3.43 -13.64 14.16
C HIS A 172 4.38 -14.74 14.77
N ARG A 173 5.38 -15.13 14.04
CA ARG A 173 6.22 -16.18 14.50
C ARG A 173 7.19 -15.67 15.61
N SER A 174 7.38 -14.35 15.67
CA SER A 174 8.22 -13.66 16.62
C SER A 174 7.65 -13.79 18.00
N LYS A 175 6.34 -13.85 18.07
CA LYS A 175 5.84 -13.96 19.40
C LYS A 175 6.20 -12.80 20.40
N ASN A 176 6.65 -11.63 19.89
CA ASN A 176 6.87 -10.42 20.67
C ASN A 176 5.54 -10.05 21.37
N PRO A 177 5.62 -9.96 22.69
CA PRO A 177 4.43 -9.81 23.51
C PRO A 177 3.84 -8.41 23.55
N VAL A 178 4.59 -7.42 23.10
CA VAL A 178 4.06 -6.09 23.01
C VAL A 178 3.37 -5.79 21.70
N ILE A 179 3.50 -6.66 20.69
CA ILE A 179 2.86 -6.45 19.39
C ILE A 179 1.55 -7.22 19.31
N ASN A 180 0.39 -6.56 19.43
CA ASN A 180 -0.90 -7.24 19.41
C ASN A 180 -1.57 -7.29 18.04
N LEU A 181 -0.90 -8.06 17.15
CA LEU A 181 -1.31 -8.18 15.75
C LEU A 181 -2.66 -8.80 15.63
N LYS A 182 -3.66 -8.05 15.10
CA LYS A 182 -4.96 -8.66 14.97
C LYS A 182 -5.21 -9.06 13.56
N GLY A 183 -4.48 -8.52 12.63
CA GLY A 183 -4.72 -8.87 11.27
C GLY A 183 -4.13 -7.94 10.25
N PHE A 184 -4.59 -8.15 9.01
CA PHE A 184 -4.01 -7.41 7.89
C PHE A 184 -5.01 -7.25 6.76
N MET A 185 -4.76 -6.27 5.87
CA MET A 185 -5.64 -5.98 4.76
C MET A 185 -4.83 -5.56 3.57
N VAL A 186 -5.20 -6.12 2.42
CA VAL A 186 -4.48 -5.86 1.19
C VAL A 186 -5.41 -5.34 0.11
N GLY A 187 -5.00 -4.26 -0.54
CA GLY A 187 -5.75 -3.71 -1.66
C GLY A 187 -5.00 -3.83 -2.97
N ASN A 188 -5.72 -4.31 -4.01
CA ASN A 188 -5.20 -4.48 -5.36
C ASN A 188 -3.80 -5.07 -5.34
N GLY A 189 -3.61 -6.23 -4.66
CA GLY A 189 -2.25 -6.67 -4.59
C GLY A 189 -1.96 -8.01 -5.12
N LEU A 190 -0.64 -8.21 -5.26
CA LEU A 190 -0.12 -9.47 -5.74
C LEU A 190 -0.39 -10.52 -4.70
N ILE A 191 -0.89 -11.65 -5.19
CA ILE A 191 -1.21 -12.84 -4.43
C ILE A 191 -0.52 -14.12 -4.90
N ASP A 192 -0.72 -14.45 -6.15
CA ASP A 192 -0.15 -15.59 -6.78
C ASP A 192 0.12 -15.25 -8.24
N ASP A 193 1.38 -15.33 -8.62
CA ASP A 193 1.85 -15.00 -9.96
C ASP A 193 1.06 -15.60 -11.10
N TYR A 194 0.89 -16.89 -11.07
CA TYR A 194 0.14 -17.57 -12.14
C TYR A 194 -1.27 -17.06 -12.24
N HIS A 195 -2.01 -17.12 -11.14
CA HIS A 195 -3.38 -16.67 -11.19
C HIS A 195 -3.59 -15.20 -11.48
N ASP A 196 -2.70 -14.36 -11.03
CA ASP A 196 -2.83 -12.94 -11.25
C ASP A 196 -2.61 -12.64 -12.74
N TYR A 197 -1.68 -13.39 -13.39
CA TYR A 197 -1.39 -13.16 -14.81
C TYR A 197 -2.62 -13.59 -15.61
N VAL A 198 -3.14 -14.80 -15.28
CA VAL A 198 -4.30 -15.27 -16.00
C VAL A 198 -5.44 -14.26 -15.85
N GLY A 199 -5.67 -13.75 -14.62
CA GLY A 199 -6.72 -12.79 -14.40
C GLY A 199 -6.52 -11.40 -14.96
N THR A 200 -5.29 -10.95 -14.96
CA THR A 200 -4.96 -9.67 -15.55
C THR A 200 -5.30 -9.62 -17.02
N PHE A 201 -4.77 -10.61 -17.76
CA PHE A 201 -5.08 -10.65 -19.22
C PHE A 201 -6.56 -10.75 -19.53
N GLU A 202 -7.28 -11.62 -18.77
CA GLU A 202 -8.72 -11.79 -18.99
C GLU A 202 -9.52 -10.47 -18.81
N PHE A 203 -9.24 -9.77 -17.71
CA PHE A 203 -9.82 -8.51 -17.39
C PHE A 203 -9.49 -7.51 -18.51
N TRP A 204 -8.28 -7.55 -19.10
CA TRP A 204 -7.88 -6.56 -20.10
C TRP A 204 -8.70 -6.72 -21.37
N TRP A 205 -8.77 -7.98 -21.82
CA TRP A 205 -9.52 -8.28 -22.98
C TRP A 205 -11.01 -7.90 -22.77
N ASN A 206 -11.46 -8.12 -21.54
CA ASN A 206 -12.82 -7.82 -21.04
C ASN A 206 -13.14 -6.34 -20.83
N HIS A 207 -12.10 -5.48 -20.87
CA HIS A 207 -12.22 -4.07 -20.84
C HIS A 207 -11.84 -3.38 -22.17
N GLY A 208 -11.73 -4.14 -23.25
CA GLY A 208 -11.38 -3.67 -24.60
C GLY A 208 -10.01 -3.05 -24.75
N ILE A 209 -9.03 -3.46 -23.93
CA ILE A 209 -7.75 -2.81 -24.03
C ILE A 209 -6.70 -3.54 -24.84
N VAL A 210 -6.97 -4.75 -25.30
CA VAL A 210 -6.00 -5.46 -26.10
C VAL A 210 -6.80 -6.24 -27.13
N SER A 211 -6.14 -6.60 -28.24
CA SER A 211 -6.67 -7.42 -29.32
C SER A 211 -6.78 -8.89 -28.95
N ASP A 212 -7.52 -9.63 -29.75
CA ASP A 212 -7.66 -11.06 -29.53
C ASP A 212 -6.31 -11.74 -29.65
N ASP A 213 -5.53 -11.35 -30.65
CA ASP A 213 -4.18 -11.95 -30.76
C ASP A 213 -3.21 -11.71 -29.65
N THR A 214 -3.17 -10.43 -29.22
CA THR A 214 -2.28 -10.01 -28.12
C THR A 214 -2.61 -10.72 -26.83
N TYR A 215 -3.92 -10.91 -26.63
CA TYR A 215 -4.41 -11.60 -25.47
C TYR A 215 -3.88 -13.06 -25.39
N ARG A 216 -3.83 -13.73 -26.53
CA ARG A 216 -3.40 -15.08 -26.73
C ARG A 216 -1.89 -15.12 -26.63
N ARG A 217 -1.24 -14.14 -27.27
CA ARG A 217 0.19 -14.09 -27.11
C ARG A 217 0.61 -13.89 -25.65
N LEU A 218 -0.13 -13.03 -24.91
CA LEU A 218 0.21 -12.78 -23.52
C LEU A 218 0.07 -14.04 -22.71
N LYS A 219 -0.98 -14.82 -22.94
CA LYS A 219 -1.18 -15.98 -22.11
C LYS A 219 -0.07 -16.99 -22.32
N GLU A 220 0.33 -17.14 -23.57
CA GLU A 220 1.32 -18.09 -24.05
C GLU A 220 2.73 -17.64 -23.71
N ALA A 221 2.99 -16.33 -23.67
CA ALA A 221 4.29 -15.77 -23.30
C ALA A 221 4.54 -15.70 -21.79
N CYS A 222 3.54 -15.36 -20.95
CA CYS A 222 3.81 -15.14 -19.55
C CYS A 222 3.40 -16.12 -18.46
N LEU A 223 2.72 -17.24 -18.74
CA LEU A 223 2.17 -18.08 -17.68
C LEU A 223 3.10 -18.83 -16.78
N HIS A 224 4.33 -18.90 -17.21
CA HIS A 224 5.25 -19.62 -16.43
C HIS A 224 6.10 -18.63 -15.68
N ASP A 225 5.84 -17.33 -15.86
CA ASP A 225 6.65 -16.27 -15.26
C ASP A 225 6.24 -15.72 -13.91
N SER A 226 7.17 -15.00 -13.37
CA SER A 226 6.98 -14.22 -12.17
C SER A 226 6.48 -12.85 -12.64
N PHE A 227 5.74 -12.06 -11.82
CA PHE A 227 5.29 -10.72 -12.19
C PHE A 227 6.48 -9.75 -12.26
N ILE A 228 7.38 -10.00 -11.35
CA ILE A 228 8.54 -9.19 -11.05
C ILE A 228 9.73 -9.46 -11.95
N HIS A 229 9.76 -10.65 -12.49
CA HIS A 229 10.85 -10.99 -13.36
C HIS A 229 10.34 -11.71 -14.62
N PRO A 230 9.62 -11.02 -15.46
CA PRO A 230 9.12 -11.73 -16.68
C PRO A 230 10.24 -12.11 -17.66
N SER A 231 9.96 -13.08 -18.47
CA SER A 231 10.92 -13.45 -19.47
C SER A 231 10.82 -12.47 -20.62
N PRO A 232 11.75 -12.62 -21.53
CA PRO A 232 11.86 -11.82 -22.75
C PRO A 232 10.67 -12.05 -23.68
N ALA A 233 10.15 -13.29 -23.73
CA ALA A 233 8.92 -13.57 -24.48
C ALA A 233 7.75 -12.75 -23.88
N CYS A 234 7.65 -12.70 -22.54
CA CYS A 234 6.64 -11.94 -21.85
C CYS A 234 6.83 -10.46 -22.10
N ASP A 235 8.07 -9.98 -22.03
CA ASP A 235 8.28 -8.57 -22.30
C ASP A 235 7.88 -8.18 -23.68
N ALA A 236 8.24 -8.99 -24.68
CA ALA A 236 7.83 -8.74 -26.09
C ALA A 236 6.33 -8.61 -26.21
N ALA A 237 5.61 -9.62 -25.66
CA ALA A 237 4.16 -9.65 -25.65
C ALA A 237 3.59 -8.37 -25.05
N THR A 238 4.12 -8.04 -23.91
CA THR A 238 3.75 -6.89 -23.13
C THR A 238 4.01 -5.54 -23.79
N ASP A 239 5.03 -5.48 -24.61
CA ASP A 239 5.32 -4.28 -25.36
C ASP A 239 4.23 -4.01 -26.42
N VAL A 240 3.69 -5.08 -27.05
CA VAL A 240 2.60 -4.93 -28.06
C VAL A 240 1.31 -4.40 -27.38
N ALA A 241 1.03 -4.96 -26.21
CA ALA A 241 -0.15 -4.63 -25.42
C ALA A 241 -0.07 -3.19 -25.02
N THR A 242 1.12 -2.77 -24.53
CA THR A 242 1.30 -1.40 -24.14
C THR A 242 0.94 -0.52 -25.33
N ALA A 243 1.34 -0.94 -26.49
CA ALA A 243 1.00 -0.14 -27.66
C ALA A 243 -0.48 -0.22 -28.03
N GLU A 244 -1.15 -1.32 -27.75
CA GLU A 244 -2.58 -1.34 -28.03
C GLU A 244 -3.37 -0.47 -27.02
N GLN A 245 -2.92 -0.33 -25.76
CA GLN A 245 -3.59 0.42 -24.66
C GLN A 245 -3.61 1.93 -24.89
N GLY A 246 -2.59 2.47 -25.53
CA GLY A 246 -2.63 3.88 -25.80
C GLY A 246 -2.41 4.72 -24.58
N ASN A 247 -2.75 5.95 -24.77
CA ASN A 247 -2.44 6.85 -23.71
C ASN A 247 -3.52 7.01 -22.68
N ILE A 248 -3.60 5.97 -21.83
CA ILE A 248 -4.56 5.82 -20.75
C ILE A 248 -3.91 5.68 -19.39
N ASP A 249 -4.72 5.92 -18.32
CA ASP A 249 -4.20 5.67 -16.99
C ASP A 249 -4.57 4.23 -16.67
N MET A 250 -3.62 3.34 -16.86
CA MET A 250 -3.86 1.96 -16.57
C MET A 250 -4.28 1.73 -15.13
N TYR A 251 -3.97 2.66 -14.18
CA TYR A 251 -4.39 2.53 -12.77
C TYR A 251 -5.86 2.95 -12.51
N SER A 252 -6.50 3.49 -13.52
CA SER A 252 -7.88 3.99 -13.41
C SER A 252 -8.36 4.24 -14.83
N LEU A 253 -9.04 3.21 -15.39
CA LEU A 253 -9.43 3.15 -16.77
C LEU A 253 -10.24 4.30 -17.31
N TYR A 254 -11.10 4.91 -16.50
CA TYR A 254 -12.03 5.90 -16.98
C TYR A 254 -11.86 7.31 -16.49
N THR A 255 -10.71 7.67 -15.97
CA THR A 255 -10.38 8.98 -15.51
C THR A 255 -9.24 9.55 -16.40
N PRO A 256 -9.10 10.85 -16.44
CA PRO A 256 -8.09 11.45 -17.28
C PRO A 256 -6.68 11.30 -16.79
N VAL A 257 -5.81 11.38 -17.78
CA VAL A 257 -4.37 11.36 -17.67
C VAL A 257 -3.87 12.80 -17.30
N CYS A 258 -2.84 12.93 -16.50
CA CYS A 258 -2.37 14.27 -16.16
C CYS A 258 -1.62 14.90 -17.34
N ASN A 259 -1.78 16.19 -17.61
CA ASN A 259 -0.90 16.79 -18.65
C ASN A 259 0.16 17.84 -18.16
N SER B 1 -12.96 17.25 -6.18
CA SER B 1 -12.82 16.84 -7.56
C SER B 1 -11.39 16.40 -7.90
N TYR B 2 -11.34 15.23 -8.60
CA TYR B 2 -10.15 14.51 -9.01
C TYR B 2 -9.21 15.28 -9.90
N ASP B 3 -7.95 15.20 -9.49
CA ASP B 3 -6.87 15.78 -10.22
C ASP B 3 -5.87 14.64 -10.39
N PRO B 4 -5.67 14.28 -11.63
CA PRO B 4 -4.77 13.21 -11.97
C PRO B 4 -3.34 13.64 -11.87
N CYS B 5 -3.06 14.93 -11.47
CA CYS B 5 -1.65 15.42 -11.38
C CYS B 5 -0.97 15.45 -10.01
N THR B 6 -1.66 14.97 -8.97
CA THR B 6 -1.12 14.92 -7.61
C THR B 6 0.37 14.55 -7.45
N GLU B 7 0.92 13.53 -8.16
CA GLU B 7 2.32 13.20 -7.89
C GLU B 7 3.31 14.36 -8.08
N ARG B 8 2.93 15.22 -8.99
CA ARG B 8 3.67 16.39 -9.35
C ARG B 8 3.77 17.31 -8.16
N TYR B 9 2.61 17.60 -7.58
CA TYR B 9 2.53 18.47 -6.43
C TYR B 9 3.40 17.96 -5.28
N SER B 10 3.22 16.65 -5.05
CA SER B 10 3.94 15.99 -3.99
C SER B 10 5.42 16.14 -4.23
N THR B 11 5.83 16.09 -5.50
CA THR B 11 7.25 16.19 -5.80
C THR B 11 7.87 17.52 -5.48
N ALA B 12 7.08 18.50 -5.80
CA ALA B 12 7.46 19.84 -5.47
C ALA B 12 7.55 20.05 -3.95
N TYR B 13 6.44 19.77 -3.24
CA TYR B 13 6.31 19.89 -1.79
C TYR B 13 7.42 19.24 -0.96
N TYR B 14 7.62 17.93 -1.11
CA TYR B 14 8.61 17.23 -0.27
C TYR B 14 10.05 17.59 -0.54
N ASN B 15 10.23 18.30 -1.62
CA ASN B 15 11.51 18.81 -2.03
C ASN B 15 11.85 20.18 -1.41
N ARG B 16 10.89 20.86 -0.78
CA ARG B 16 11.19 22.07 -0.05
C ARG B 16 12.00 21.72 1.26
N ARG B 17 12.97 22.56 1.73
CA ARG B 17 13.74 22.33 3.01
C ARG B 17 12.94 22.67 4.27
N ASP B 18 12.10 23.64 4.06
CA ASP B 18 11.04 24.09 4.90
C ASP B 18 10.43 22.81 5.57
N VAL B 19 9.76 22.08 4.70
CA VAL B 19 9.08 20.84 4.90
C VAL B 19 10.00 19.79 5.46
N GLN B 20 11.12 19.53 4.78
CA GLN B 20 11.97 18.50 5.33
C GLN B 20 12.43 18.79 6.76
N MET B 21 12.61 20.08 7.00
CA MET B 21 12.93 20.63 8.27
C MET B 21 11.76 20.23 9.19
N ALA B 22 10.53 20.61 8.79
CA ALA B 22 9.33 20.29 9.58
C ALA B 22 9.11 18.80 9.90
N LEU B 23 9.65 17.91 9.07
CA LEU B 23 9.47 16.48 9.20
C LEU B 23 10.63 15.80 9.86
N HIS B 24 11.71 16.55 10.14
CA HIS B 24 12.84 15.90 10.77
C HIS B 24 13.49 14.92 9.80
N ALA B 25 13.49 15.30 8.52
CA ALA B 25 14.00 14.45 7.43
C ALA B 25 15.27 15.03 6.86
N ASN B 26 16.12 14.17 6.26
CA ASN B 26 17.37 14.59 5.61
C ASN B 26 17.96 15.74 6.39
N VAL B 27 18.05 15.47 7.67
CA VAL B 27 18.50 16.42 8.67
C VAL B 27 19.88 16.91 8.39
N THR B 28 20.74 16.02 8.12
CA THR B 28 22.04 16.52 7.88
C THR B 28 22.15 16.98 6.41
N GLY B 29 21.09 16.83 5.64
CA GLY B 29 21.04 17.29 4.22
C GLY B 29 21.84 16.36 3.33
N ALA B 30 22.21 15.28 3.98
CA ALA B 30 23.06 14.22 3.43
C ALA B 30 22.38 13.34 2.37
N MET B 31 21.09 13.54 2.07
CA MET B 31 20.46 12.72 1.04
C MET B 31 20.82 13.28 -0.30
N ASN B 32 21.86 12.66 -0.84
CA ASN B 32 22.50 13.05 -2.08
C ASN B 32 21.78 12.73 -3.35
N TYR B 33 20.55 13.25 -3.36
CA TYR B 33 19.64 13.09 -4.44
C TYR B 33 18.34 13.78 -4.14
N THR B 34 17.61 14.08 -5.20
CA THR B 34 16.33 14.73 -5.07
C THR B 34 15.33 13.72 -4.53
N TRP B 35 14.30 14.23 -3.86
CA TRP B 35 13.23 13.40 -3.36
C TRP B 35 12.34 12.95 -4.51
N ALA B 36 12.02 11.64 -4.54
CA ALA B 36 11.17 11.01 -5.54
C ALA B 36 10.11 10.14 -4.88
N THR B 37 9.01 10.08 -5.56
CA THR B 37 7.81 9.31 -5.26
C THR B 37 8.02 7.80 -5.16
N CYS B 38 8.96 7.29 -5.98
CA CYS B 38 9.42 5.91 -6.01
C CYS B 38 10.90 5.92 -6.36
N SER B 39 11.60 4.82 -6.19
CA SER B 39 13.01 4.71 -6.54
C SER B 39 13.16 3.68 -7.62
N ASP B 40 13.48 4.22 -8.78
CA ASP B 40 13.74 3.49 -10.01
C ASP B 40 14.74 2.37 -9.94
N THR B 41 15.85 2.73 -9.34
CA THR B 41 16.90 1.76 -9.11
C THR B 41 16.33 0.59 -8.38
N ILE B 42 15.73 0.90 -7.22
CA ILE B 42 15.17 -0.14 -6.40
C ILE B 42 14.23 -0.99 -7.19
N ASN B 43 13.40 -0.26 -7.91
CA ASN B 43 12.40 -0.88 -8.72
C ASN B 43 12.96 -1.86 -9.74
N THR B 44 14.00 -1.43 -10.42
CA THR B 44 14.66 -2.21 -11.45
C THR B 44 15.84 -3.07 -10.93
N HIS B 45 16.05 -3.17 -9.62
CA HIS B 45 17.11 -4.03 -9.07
C HIS B 45 16.62 -4.98 -7.95
N TRP B 46 15.38 -5.48 -8.05
CA TRP B 46 14.76 -6.37 -7.09
C TRP B 46 15.21 -7.81 -7.26
N HIS B 47 15.42 -8.42 -6.14
CA HIS B 47 15.85 -9.75 -6.21
C HIS B 47 14.78 -10.73 -5.80
N ASP B 48 14.96 -11.32 -4.64
CA ASP B 48 14.03 -12.35 -4.22
C ASP B 48 12.62 -11.91 -3.95
N ALA B 49 11.70 -12.82 -4.30
CA ALA B 49 10.26 -12.65 -4.21
C ALA B 49 9.53 -13.95 -4.48
N PRO B 50 8.96 -14.64 -3.52
CA PRO B 50 8.25 -15.85 -3.90
C PRO B 50 7.15 -15.62 -4.95
N ARG B 51 6.75 -16.68 -5.59
CA ARG B 51 5.73 -16.63 -6.60
C ARG B 51 4.34 -16.69 -6.09
N SER B 52 4.18 -17.19 -4.87
CA SER B 52 2.88 -17.33 -4.27
C SER B 52 2.81 -16.89 -2.82
N MET B 53 1.75 -16.21 -2.44
CA MET B 53 1.57 -15.78 -1.06
C MET B 53 0.60 -16.74 -0.40
N LEU B 54 0.03 -17.63 -1.21
CA LEU B 54 -1.02 -18.54 -0.74
C LEU B 54 -0.68 -19.37 0.49
N PRO B 55 0.53 -19.83 0.50
CA PRO B 55 0.92 -20.61 1.64
C PRO B 55 0.80 -19.77 2.95
N ILE B 56 1.35 -18.53 2.98
CA ILE B 56 1.27 -17.61 4.12
C ILE B 56 -0.17 -17.28 4.57
N TYR B 57 -1.08 -17.07 3.64
CA TYR B 57 -2.44 -16.80 3.98
C TYR B 57 -2.94 -18.02 4.75
N ARG B 58 -2.60 -19.19 4.25
CA ARG B 58 -3.07 -20.40 4.89
C ARG B 58 -2.64 -20.52 6.35
N GLU B 59 -1.37 -20.23 6.56
CA GLU B 59 -0.78 -20.22 7.88
C GLU B 59 -1.46 -19.20 8.81
N LEU B 60 -1.70 -17.98 8.31
CA LEU B 60 -2.36 -16.93 9.08
C LEU B 60 -3.87 -17.12 9.23
N ILE B 61 -4.44 -17.91 8.36
CA ILE B 61 -5.89 -18.13 8.50
C ILE B 61 -5.98 -19.18 9.61
N ALA B 62 -5.08 -20.15 9.52
CA ALA B 62 -5.04 -21.19 10.51
C ALA B 62 -4.74 -20.56 11.87
N ALA B 63 -3.86 -19.57 11.87
CA ALA B 63 -3.57 -18.77 13.05
C ALA B 63 -4.77 -17.95 13.54
N GLY B 64 -5.86 -17.84 12.78
CA GLY B 64 -6.98 -17.07 13.30
C GLY B 64 -6.92 -15.55 13.11
N LEU B 65 -6.04 -15.02 12.27
CA LEU B 65 -5.99 -13.60 12.05
C LEU B 65 -7.14 -13.05 11.19
N ARG B 66 -7.44 -11.78 11.40
CA ARG B 66 -8.46 -11.16 10.56
C ARG B 66 -7.77 -10.75 9.25
N ILE B 67 -8.29 -11.29 8.16
CA ILE B 67 -7.74 -11.03 6.81
C ILE B 67 -8.79 -10.50 5.82
N TRP B 68 -8.64 -9.24 5.33
CA TRP B 68 -9.48 -8.66 4.31
C TRP B 68 -8.62 -8.36 3.09
N VAL B 69 -9.23 -8.60 1.95
CA VAL B 69 -8.67 -8.37 0.66
C VAL B 69 -9.67 -7.51 -0.10
N PHE B 70 -9.14 -6.45 -0.73
CA PHE B 70 -9.97 -5.53 -1.44
C PHE B 70 -9.42 -5.21 -2.80
N SER B 71 -10.37 -4.67 -3.56
CA SER B 71 -10.09 -4.33 -4.93
C SER B 71 -10.89 -3.21 -5.54
N GLY B 72 -10.17 -2.18 -6.02
CA GLY B 72 -10.75 -1.12 -6.89
C GLY B 72 -10.96 -1.75 -8.31
N ASP B 73 -12.23 -1.90 -8.71
CA ASP B 73 -12.75 -2.55 -9.93
C ASP B 73 -12.49 -1.92 -11.33
N THR B 74 -11.80 -0.77 -11.38
CA THR B 74 -11.44 -0.10 -12.62
C THR B 74 -9.89 0.04 -12.78
N ASP B 75 -9.14 -0.59 -11.92
CA ASP B 75 -7.66 -0.68 -11.98
C ASP B 75 -7.40 -1.74 -13.04
N ALA B 76 -6.33 -1.55 -13.78
CA ALA B 76 -6.00 -2.54 -14.79
C ALA B 76 -4.62 -3.11 -14.52
N VAL B 77 -3.91 -2.59 -13.53
CA VAL B 77 -2.58 -3.02 -13.15
C VAL B 77 -2.57 -4.34 -12.36
N VAL B 78 -3.34 -4.34 -11.27
CA VAL B 78 -3.57 -5.53 -10.50
C VAL B 78 -5.09 -5.62 -10.37
N PRO B 79 -5.75 -6.02 -11.45
CA PRO B 79 -7.20 -6.04 -11.55
C PRO B 79 -7.96 -7.00 -10.66
N LEU B 80 -9.23 -6.67 -10.53
CA LEU B 80 -10.15 -7.48 -9.78
C LEU B 80 -10.14 -8.96 -10.17
N THR B 81 -10.13 -9.31 -11.49
CA THR B 81 -10.18 -10.75 -11.89
C THR B 81 -8.95 -11.54 -11.43
N ALA B 82 -7.78 -10.87 -11.35
CA ALA B 82 -6.58 -11.49 -10.88
C ALA B 82 -6.83 -11.92 -9.41
N THR B 83 -7.44 -11.00 -8.62
CA THR B 83 -7.73 -11.27 -7.21
C THR B 83 -8.79 -12.38 -7.05
N ARG B 84 -9.79 -12.40 -7.88
CA ARG B 84 -10.86 -13.45 -7.84
C ARG B 84 -10.28 -14.85 -8.05
N TYR B 85 -9.38 -15.02 -9.05
CA TYR B 85 -8.73 -16.30 -9.29
C TYR B 85 -7.75 -16.70 -8.13
N SER B 86 -6.90 -15.77 -7.67
CA SER B 86 -5.96 -16.07 -6.61
C SER B 86 -6.64 -16.44 -5.30
N ILE B 87 -7.68 -15.69 -4.88
CA ILE B 87 -8.45 -15.99 -3.66
C ILE B 87 -9.22 -17.32 -3.89
N GLY B 88 -9.73 -17.48 -5.10
CA GLY B 88 -10.48 -18.67 -5.41
C GLY B 88 -9.56 -19.89 -5.28
N ALA B 89 -8.27 -19.67 -5.37
CA ALA B 89 -7.49 -20.85 -5.32
C ALA B 89 -7.10 -21.28 -3.89
N LEU B 90 -7.59 -20.58 -2.88
CA LEU B 90 -7.31 -20.92 -1.50
C LEU B 90 -8.26 -22.06 -1.17
N GLY B 91 -9.31 -22.15 -1.96
CA GLY B 91 -10.22 -23.18 -1.67
C GLY B 91 -11.00 -22.98 -0.38
N LEU B 92 -11.23 -21.77 0.10
CA LEU B 92 -12.00 -21.72 1.32
C LEU B 92 -13.48 -21.86 1.03
N PRO B 93 -14.29 -22.14 2.04
CA PRO B 93 -15.73 -22.24 1.88
C PRO B 93 -16.30 -20.89 2.05
N THR B 94 -17.45 -20.74 1.46
CA THR B 94 -18.18 -19.50 1.44
C THR B 94 -19.16 -19.48 2.57
N THR B 95 -19.23 -18.38 3.27
CA THR B 95 -20.11 -18.14 4.39
C THR B 95 -21.25 -17.27 3.90
N THR B 96 -20.93 -16.20 3.15
CA THR B 96 -21.93 -15.32 2.54
C THR B 96 -21.53 -15.01 1.10
N SER B 97 -22.27 -15.53 0.16
CA SER B 97 -22.08 -15.33 -1.25
C SER B 97 -22.12 -13.86 -1.70
N TRP B 98 -21.39 -13.62 -2.80
CA TRP B 98 -21.22 -12.33 -3.45
C TRP B 98 -22.47 -11.52 -3.36
N TYR B 99 -22.42 -10.34 -2.71
CA TYR B 99 -23.62 -9.53 -2.56
C TYR B 99 -23.20 -8.06 -2.64
N PRO B 100 -24.18 -7.18 -3.03
CA PRO B 100 -23.93 -5.75 -3.12
C PRO B 100 -24.02 -5.04 -1.74
N TRP B 101 -22.99 -4.26 -1.44
CA TRP B 101 -22.91 -3.47 -0.23
C TRP B 101 -23.20 -2.00 -0.52
N TYR B 102 -23.94 -1.35 0.37
CA TYR B 102 -24.30 0.02 0.13
C TYR B 102 -23.63 0.98 1.10
N ASP B 103 -23.46 2.15 0.59
CA ASP B 103 -23.04 3.34 1.29
C ASP B 103 -24.21 4.30 0.95
N ASP B 104 -25.01 4.69 1.93
CA ASP B 104 -26.17 5.49 1.51
C ASP B 104 -27.12 4.73 0.66
N GLN B 105 -27.50 5.33 -0.46
CA GLN B 105 -28.36 4.45 -1.19
C GLN B 105 -27.78 3.86 -2.48
N GLU B 106 -26.48 4.12 -2.68
CA GLU B 106 -25.74 3.65 -3.83
C GLU B 106 -24.97 2.40 -3.42
N VAL B 107 -24.83 1.55 -4.42
CA VAL B 107 -24.04 0.36 -4.31
C VAL B 107 -22.53 0.80 -4.18
N GLY B 108 -21.87 0.45 -3.08
CA GLY B 108 -20.44 0.83 -2.89
C GLY B 108 -19.49 -0.19 -3.57
N GLY B 109 -19.94 -1.42 -3.85
CA GLY B 109 -19.10 -2.48 -4.38
C GLY B 109 -19.77 -3.76 -3.98
N TRP B 110 -19.08 -4.88 -4.11
CA TRP B 110 -19.58 -6.22 -3.80
C TRP B 110 -18.69 -6.89 -2.76
N SER B 111 -19.26 -7.90 -2.10
CA SER B 111 -18.48 -8.53 -1.14
C SER B 111 -18.77 -10.01 -1.08
N GLN B 112 -17.75 -10.76 -0.68
CA GLN B 112 -17.90 -12.17 -0.43
C GLN B 112 -17.14 -12.57 0.86
N VAL B 113 -17.86 -13.13 1.81
CA VAL B 113 -17.30 -13.62 3.05
C VAL B 113 -17.12 -15.16 3.04
N TYR B 114 -15.88 -15.57 3.10
CA TYR B 114 -15.41 -16.93 3.17
C TYR B 114 -15.01 -17.23 4.62
N LYS B 115 -14.88 -18.51 4.95
CA LYS B 115 -14.44 -18.90 6.27
C LYS B 115 -12.96 -18.56 6.40
N GLY B 116 -12.64 -17.47 7.08
CA GLY B 116 -11.27 -17.05 7.31
C GLY B 116 -10.84 -15.80 6.56
N LEU B 117 -11.65 -15.36 5.56
CA LEU B 117 -11.23 -14.22 4.78
C LEU B 117 -12.41 -13.49 4.17
N THR B 118 -12.33 -12.16 4.10
CA THR B 118 -13.37 -11.35 3.45
C THR B 118 -12.82 -10.66 2.21
N LEU B 119 -13.54 -10.82 1.08
CA LEU B 119 -13.24 -10.20 -0.20
C LEU B 119 -14.21 -9.04 -0.44
N VAL B 120 -13.64 -7.86 -0.72
CA VAL B 120 -14.40 -6.65 -0.98
C VAL B 120 -13.96 -5.92 -2.27
N SER B 121 -14.90 -5.61 -3.16
CA SER B 121 -14.53 -4.78 -4.30
C SER B 121 -15.12 -3.40 -4.08
N VAL B 122 -14.49 -2.38 -4.67
CA VAL B 122 -14.91 -0.99 -4.57
C VAL B 122 -15.32 -0.45 -5.99
N ARG B 123 -16.62 -0.29 -6.20
CA ARG B 123 -17.23 0.15 -7.48
C ARG B 123 -16.68 1.40 -8.10
N GLY B 124 -16.11 1.34 -9.33
CA GLY B 124 -15.67 2.60 -9.92
C GLY B 124 -14.30 3.08 -9.42
N ALA B 125 -13.66 2.40 -8.41
CA ALA B 125 -12.35 2.83 -7.93
C ALA B 125 -11.19 2.19 -8.70
N GLY B 126 -10.11 2.99 -8.92
CA GLY B 126 -8.88 2.62 -9.56
C GLY B 126 -7.95 1.98 -8.50
N HIS B 127 -6.69 1.84 -8.80
CA HIS B 127 -5.73 1.18 -7.97
C HIS B 127 -5.57 1.77 -6.56
N GLU B 128 -5.49 3.06 -6.49
CA GLU B 128 -5.43 3.80 -5.25
C GLU B 128 -6.88 4.10 -4.79
N VAL B 129 -7.41 3.14 -4.07
CA VAL B 129 -8.74 3.28 -3.62
C VAL B 129 -9.08 4.56 -2.88
N PRO B 130 -8.34 4.98 -1.84
CA PRO B 130 -8.78 6.16 -1.11
C PRO B 130 -8.77 7.49 -1.90
N LEU B 131 -8.10 7.46 -3.04
CA LEU B 131 -7.99 8.60 -3.93
C LEU B 131 -9.21 8.68 -4.81
N HIS B 132 -9.56 7.53 -5.40
CA HIS B 132 -10.67 7.43 -6.30
C HIS B 132 -12.03 7.39 -5.64
N ARG B 133 -12.15 6.70 -4.50
CA ARG B 133 -13.44 6.56 -3.79
C ARG B 133 -13.19 6.64 -2.29
N PRO B 134 -12.73 7.83 -1.89
CA PRO B 134 -12.44 8.27 -0.51
C PRO B 134 -13.49 7.93 0.53
N ARG B 135 -14.67 8.27 0.19
CA ARG B 135 -15.77 8.01 1.06
C ARG B 135 -16.10 6.56 1.35
N GLN B 136 -16.17 5.78 0.29
CA GLN B 136 -16.39 4.34 0.34
C GLN B 136 -15.17 3.66 0.91
N ALA B 137 -13.98 4.21 0.66
CA ALA B 137 -12.79 3.67 1.22
C ALA B 137 -12.75 3.78 2.78
N LEU B 138 -13.38 4.85 3.37
CA LEU B 138 -13.43 5.00 4.86
C LEU B 138 -14.39 3.99 5.53
N VAL B 139 -15.50 3.71 4.80
CA VAL B 139 -16.47 2.73 5.22
C VAL B 139 -15.75 1.41 5.33
N LEU B 140 -15.10 1.08 4.20
CA LEU B 140 -14.35 -0.15 4.08
C LEU B 140 -13.49 -0.37 5.30
N PHE B 141 -12.63 0.67 5.58
CA PHE B 141 -11.72 0.69 6.69
C PHE B 141 -12.41 0.53 8.06
N GLN B 142 -13.43 1.35 8.37
CA GLN B 142 -14.19 1.18 9.60
C GLN B 142 -14.72 -0.21 9.79
N TYR B 143 -15.42 -0.84 8.79
CA TYR B 143 -15.93 -2.20 8.97
C TYR B 143 -14.81 -3.22 9.33
N PHE B 144 -13.62 -3.12 8.71
CA PHE B 144 -12.54 -4.01 8.92
C PHE B 144 -12.01 -3.86 10.37
N LEU B 145 -11.81 -2.62 10.84
CA LEU B 145 -11.44 -2.37 12.20
C LEU B 145 -12.44 -3.05 13.11
N GLN B 146 -13.70 -3.11 12.73
CA GLN B 146 -14.64 -3.80 13.58
C GLN B 146 -14.78 -5.28 13.34
N GLY B 147 -14.48 -5.76 12.16
CA GLY B 147 -14.62 -7.17 11.90
C GLY B 147 -16.06 -7.47 11.54
N LYS B 148 -16.76 -6.45 11.04
CA LYS B 148 -18.10 -6.54 10.61
C LYS B 148 -18.10 -6.59 9.11
N PRO B 149 -19.08 -7.29 8.55
CA PRO B 149 -19.19 -7.51 7.12
C PRO B 149 -19.67 -6.24 6.49
N MET B 150 -19.40 -6.05 5.18
CA MET B 150 -19.83 -4.82 4.51
C MET B 150 -21.34 -4.71 4.61
N PRO B 151 -21.85 -3.54 4.88
CA PRO B 151 -23.31 -3.50 5.02
C PRO B 151 -24.21 -3.58 3.80
N GLY B 152 -25.49 -3.66 4.11
CA GLY B 152 -26.69 -3.38 3.28
C GLY B 152 -27.21 -4.57 2.58
#